data_3E10
#
_entry.id   3E10
#
_cell.length_a   82.077
_cell.length_b   83.528
_cell.length_c   51.891
_cell.angle_alpha   90.000
_cell.angle_beta   90.000
_cell.angle_gamma   90.000
#
_symmetry.space_group_name_H-M   'P 21 21 2'
#
loop_
_entity.id
_entity.type
_entity.pdbx_description
1 polymer 'Putative NADH Oxidase'
2 non-polymer 'FLAVIN MONONUCLEOTIDE'
3 non-polymer '4-(2-HYDROXYETHYL)-1-PIPERAZINE ETHANESULFONIC ACID'
4 non-polymer 1,2-ETHANEDIOL
5 water water
#
_entity_poly.entity_id   1
_entity_poly.type   'polypeptide(L)'
_entity_poly.pdbx_seq_one_letter_code
;G(MSE)DIINNRRSIRNYKGKKVEKEKIEKLLRAA(MSE)QAPSAGNQQPWEFIVLEDRENIDKLSNFSKYANSLKTAPL
AIVLLADEEK(MSE)KISE(MSE)WEQD(MSE)AAAAENILLEAAYLDLGAVWLGAQPIEERVKNLKE(MSE)FNLKSNI
KPFCVISVGYPENSENKFIDRFDAKRIHIEKY
;
_entity_poly.pdbx_strand_id   A,B
#
# COMPACT_ATOMS: atom_id res chain seq x y z
N ASP A 3 -1.77 12.96 10.72
CA ASP A 3 -2.00 12.16 11.95
C ASP A 3 -2.24 10.71 11.68
N ILE A 4 -3.05 10.39 10.69
CA ILE A 4 -3.43 8.99 10.49
C ILE A 4 -2.24 8.13 10.11
N ILE A 5 -1.28 8.65 9.36
CA ILE A 5 -0.11 7.84 9.04
C ILE A 5 0.67 7.47 10.27
N ASN A 6 0.86 8.44 11.18
CA ASN A 6 1.57 8.15 12.42
C ASN A 6 0.80 7.30 13.42
N ASN A 7 -0.52 7.50 13.47
CA ASN A 7 -1.35 6.90 14.54
C ASN A 7 -2.01 5.57 14.17
N ARG A 8 -2.13 5.28 12.88
CA ARG A 8 -2.69 3.98 12.46
C ARG A 8 -1.95 2.83 13.13
N ARG A 9 -2.71 1.98 13.83
CA ARG A 9 -2.14 0.79 14.49
C ARG A 9 -2.94 -0.45 14.13
N SER A 10 -2.32 -1.61 14.21
CA SER A 10 -3.07 -2.86 14.11
C SER A 10 -3.87 -3.05 15.38
N ILE A 11 -5.19 -2.99 15.27
CA ILE A 11 -6.10 -3.16 16.40
C ILE A 11 -6.91 -4.43 16.17
N ARG A 12 -6.89 -5.33 17.15
CA ARG A 12 -7.37 -6.69 17.04
C ARG A 12 -8.48 -7.04 18.05
N ASN A 13 -8.99 -6.02 18.74
CA ASN A 13 -9.96 -6.17 19.82
C ASN A 13 -10.97 -5.04 19.69
N TYR A 14 -12.27 -5.39 19.70
CA TYR A 14 -13.30 -4.44 19.32
C TYR A 14 -14.43 -4.46 20.31
N LYS A 15 -15.11 -3.32 20.35
CA LYS A 15 -16.40 -3.21 21.04
C LYS A 15 -17.49 -3.94 20.30
N GLY A 16 -18.63 -4.09 20.95
CA GLY A 16 -19.76 -4.79 20.36
C GLY A 16 -20.40 -4.06 19.18
N LYS A 17 -20.41 -2.74 19.20
CA LYS A 17 -21.24 -2.02 18.25
C LYS A 17 -20.77 -2.12 16.80
N LYS A 18 -21.75 -2.05 15.91
CA LYS A 18 -21.46 -2.16 14.49
C LYS A 18 -20.74 -0.91 13.97
N VAL A 19 -20.10 -1.07 12.83
CA VAL A 19 -19.58 0.07 12.07
C VAL A 19 -20.73 0.63 11.22
N GLU A 20 -20.96 1.93 11.35
CA GLU A 20 -22.02 2.63 10.60
C GLU A 20 -21.87 2.42 9.10
N LYS A 21 -23.01 2.29 8.42
CA LYS A 21 -22.98 2.07 6.98
CA LYS A 21 -23.04 2.11 6.98
C LYS A 21 -22.23 3.18 6.25
N GLU A 22 -22.34 4.42 6.73
CA GLU A 22 -21.64 5.54 6.09
C GLU A 22 -20.13 5.35 6.21
N LYS A 23 -19.68 4.76 7.32
CA LYS A 23 -18.24 4.51 7.53
C LYS A 23 -17.78 3.37 6.64
N ILE A 24 -18.58 2.32 6.53
CA ILE A 24 -18.24 1.18 5.67
C ILE A 24 -18.02 1.72 4.23
N GLU A 25 -18.95 2.54 3.75
CA GLU A 25 -18.83 3.11 2.41
C GLU A 25 -17.54 3.91 2.29
N LYS A 26 -17.19 4.71 3.29
CA LYS A 26 -15.94 5.48 3.24
CA LYS A 26 -15.95 5.48 3.23
C LYS A 26 -14.71 4.60 3.16
N LEU A 27 -14.71 3.48 3.89
CA LEU A 27 -13.60 2.54 3.81
C LEU A 27 -13.40 2.03 2.38
N LEU A 28 -14.52 1.67 1.74
CA LEU A 28 -14.50 1.10 0.41
C LEU A 28 -14.12 2.16 -0.63
N ARG A 29 -14.61 3.39 -0.45
CA ARG A 29 -14.17 4.50 -1.30
C ARG A 29 -12.67 4.71 -1.18
N ALA A 30 -12.16 4.66 0.03
CA ALA A 30 -10.73 4.89 0.23
C ALA A 30 -9.91 3.81 -0.51
N ALA A 31 -10.34 2.56 -0.42
CA ALA A 31 -9.68 1.45 -1.08
C ALA A 31 -9.60 1.72 -2.57
N GLN A 33 -9.65 4.38 -4.26
CA GLN A 33 -8.81 5.48 -4.68
C GLN A 33 -7.33 5.13 -4.72
N ALA A 34 -6.97 3.90 -4.37
CA ALA A 34 -5.55 3.48 -4.45
C ALA A 34 -4.99 3.55 -5.86
N PRO A 35 -3.67 3.75 -5.97
CA PRO A 35 -3.02 3.65 -7.25
C PRO A 35 -3.07 2.16 -7.66
N SER A 36 -2.94 1.90 -8.95
CA SER A 36 -2.86 0.52 -9.45
C SER A 36 -2.06 0.52 -10.73
N ALA A 37 -1.26 -0.54 -10.94
CA ALA A 37 -0.47 -0.65 -12.16
C ALA A 37 -1.39 -0.56 -13.39
N GLY A 38 -1.03 0.26 -14.34
CA GLY A 38 -1.86 0.46 -15.53
C GLY A 38 -3.23 1.03 -15.27
N ASN A 39 -3.45 1.62 -14.08
CA ASN A 39 -4.80 1.98 -13.65
C ASN A 39 -5.77 0.80 -13.78
N GLN A 40 -5.26 -0.41 -13.57
CA GLN A 40 -6.09 -1.60 -13.82
C GLN A 40 -7.19 -1.87 -12.78
N GLN A 41 -7.07 -1.28 -11.60
CA GLN A 41 -8.13 -1.33 -10.58
C GLN A 41 -8.73 -2.75 -10.46
N PRO A 42 -7.92 -3.71 -10.01
CA PRO A 42 -8.34 -5.13 -10.13
C PRO A 42 -9.19 -5.66 -8.97
N TRP A 43 -9.58 -4.78 -8.05
CA TRP A 43 -10.16 -5.15 -6.77
C TRP A 43 -11.66 -5.47 -6.78
N GLU A 44 -11.99 -6.45 -5.96
CA GLU A 44 -13.37 -6.79 -5.59
C GLU A 44 -13.34 -6.96 -4.07
N PHE A 45 -14.47 -6.67 -3.42
CA PHE A 45 -14.53 -6.70 -1.95
C PHE A 45 -15.77 -7.46 -1.49
N ILE A 46 -15.60 -8.34 -0.51
CA ILE A 46 -16.75 -8.92 0.18
C ILE A 46 -16.83 -8.28 1.56
N VAL A 47 -17.98 -7.70 1.84
CA VAL A 47 -18.27 -7.00 3.08
C VAL A 47 -19.14 -7.89 3.94
N LEU A 48 -18.64 -8.27 5.11
CA LEU A 48 -19.43 -9.10 6.02
C LEU A 48 -19.74 -8.36 7.31
N GLU A 49 -21.01 -8.43 7.67
CA GLU A 49 -21.45 -8.03 9.00
C GLU A 49 -22.17 -9.15 9.74
N ASP A 50 -22.38 -10.30 9.10
CA ASP A 50 -23.05 -11.42 9.74
C ASP A 50 -22.06 -12.04 10.70
N ARG A 51 -22.32 -11.93 11.99
CA ARG A 51 -21.34 -12.41 12.94
C ARG A 51 -21.06 -13.91 12.91
N GLU A 52 -22.05 -14.71 12.54
CA GLU A 52 -21.79 -16.14 12.42
C GLU A 52 -20.76 -16.38 11.32
N ASN A 53 -20.91 -15.66 10.22
CA ASN A 53 -19.98 -15.82 9.08
C ASN A 53 -18.61 -15.22 9.37
N ILE A 54 -18.58 -14.11 10.10
CA ILE A 54 -17.29 -13.52 10.52
C ILE A 54 -16.55 -14.45 11.45
N ASP A 55 -17.27 -15.05 12.40
CA ASP A 55 -16.61 -16.01 13.25
C ASP A 55 -16.04 -17.24 12.50
N LYS A 56 -16.79 -17.75 11.54
CA LYS A 56 -16.31 -18.86 10.72
C LYS A 56 -15.07 -18.42 9.94
N LEU A 57 -15.09 -17.18 9.45
CA LEU A 57 -13.99 -16.64 8.65
C LEU A 57 -12.69 -16.60 9.47
N SER A 58 -12.79 -16.50 10.79
CA SER A 58 -11.62 -16.52 11.66
C SER A 58 -10.77 -17.77 11.53
N ASN A 59 -11.37 -18.82 10.96
CA ASN A 59 -10.65 -20.06 10.73
C ASN A 59 -9.80 -20.09 9.46
N PHE A 60 -9.78 -19.00 8.70
CA PHE A 60 -9.02 -19.03 7.45
C PHE A 60 -7.51 -19.09 7.62
N SER A 61 -7.05 -18.60 8.76
CA SER A 61 -5.64 -18.65 9.10
C SER A 61 -5.52 -18.76 10.61
N LYS A 62 -4.34 -19.05 11.09
CA LYS A 62 -4.01 -19.14 12.50
CA LYS A 62 -4.13 -19.12 12.54
C LYS A 62 -3.80 -17.77 13.16
N TYR A 63 -3.74 -16.71 12.33
CA TYR A 63 -3.45 -15.37 12.81
C TYR A 63 -4.62 -14.40 12.61
N ALA A 64 -5.83 -14.93 12.68
CA ALA A 64 -7.03 -14.19 12.34
C ALA A 64 -8.05 -14.15 13.49
N ASN A 65 -7.56 -14.31 14.71
CA ASN A 65 -8.46 -14.33 15.86
C ASN A 65 -9.19 -13.03 16.11
N SER A 66 -8.68 -11.92 15.54
CA SER A 66 -9.37 -10.63 15.68
CA SER A 66 -9.36 -10.62 15.64
C SER A 66 -10.80 -10.73 15.14
N LEU A 67 -11.02 -11.63 14.18
CA LEU A 67 -12.34 -11.78 13.60
C LEU A 67 -13.40 -12.25 14.59
N LYS A 68 -12.98 -12.94 15.65
CA LYS A 68 -13.96 -13.46 16.61
C LYS A 68 -14.73 -12.35 17.35
N THR A 69 -14.22 -11.12 17.40
CA THR A 69 -14.97 -10.00 18.01
C THR A 69 -15.27 -8.88 17.03
N ALA A 70 -14.87 -9.04 15.77
CA ALA A 70 -15.07 -7.97 14.81
C ALA A 70 -16.53 -7.85 14.36
N PRO A 71 -17.08 -6.63 14.35
CA PRO A 71 -18.41 -6.42 13.77
C PRO A 71 -18.41 -6.30 12.26
N LEU A 72 -17.23 -6.18 11.64
CA LEU A 72 -17.09 -5.97 10.21
C LEU A 72 -15.85 -6.68 9.73
N ALA A 73 -15.98 -7.34 8.59
CA ALA A 73 -14.82 -7.88 7.86
C ALA A 73 -14.94 -7.49 6.41
N ILE A 74 -13.79 -7.12 5.83
CA ILE A 74 -13.74 -6.81 4.42
C ILE A 74 -12.70 -7.76 3.81
N VAL A 75 -13.17 -8.63 2.90
CA VAL A 75 -12.29 -9.53 2.19
C VAL A 75 -11.87 -8.82 0.91
N LEU A 76 -10.57 -8.67 0.74
CA LEU A 76 -10.02 -8.10 -0.48
C LEU A 76 -9.63 -9.18 -1.46
N LEU A 77 -10.12 -9.03 -2.67
CA LEU A 77 -9.91 -10.00 -3.76
C LEU A 77 -9.46 -9.26 -5.02
N ALA A 78 -8.79 -9.96 -5.93
CA ALA A 78 -8.42 -9.40 -7.22
C ALA A 78 -8.93 -10.32 -8.30
N ASP A 79 -9.40 -9.73 -9.40
CA ASP A 79 -9.90 -10.48 -10.54
C ASP A 79 -8.81 -10.54 -11.60
N GLU A 80 -8.34 -11.76 -11.87
CA GLU A 80 -7.31 -12.03 -12.90
CA GLU A 80 -7.30 -11.97 -12.85
C GLU A 80 -7.72 -11.47 -14.24
N GLU A 81 -9.02 -11.50 -14.53
CA GLU A 81 -9.50 -11.05 -15.85
C GLU A 81 -9.35 -9.55 -16.06
N LYS A 82 -9.22 -8.80 -14.94
CA LYS A 82 -9.03 -7.36 -14.99
C LYS A 82 -7.57 -6.97 -15.07
N LYS A 84 -4.33 -6.14 -16.46
CA LYS A 84 -3.51 -5.74 -17.59
CA LYS A 84 -3.51 -5.75 -17.60
C LYS A 84 -2.05 -6.02 -17.28
N ILE A 85 -1.67 -5.84 -16.02
CA ILE A 85 -0.28 -6.02 -15.51
C ILE A 85 -0.38 -6.98 -14.32
N SER A 86 -0.42 -8.27 -14.62
CA SER A 86 -0.64 -9.28 -13.60
C SER A 86 0.54 -9.40 -12.66
N GLU A 87 1.70 -8.95 -13.11
CA GLU A 87 2.89 -8.99 -12.27
C GLU A 87 2.82 -8.19 -10.99
N TRP A 89 -0.24 -7.19 -9.27
CA TRP A 89 -1.57 -7.14 -8.64
C TRP A 89 -1.51 -7.11 -7.12
N GLU A 90 -0.54 -7.80 -6.51
CA GLU A 90 -0.39 -7.82 -5.04
CA GLU A 90 -0.47 -7.80 -5.06
C GLU A 90 -0.09 -6.41 -4.53
N GLN A 91 0.63 -5.62 -5.33
CA GLN A 91 1.02 -4.26 -4.92
C GLN A 91 -0.20 -3.34 -4.98
N ASP A 92 -0.99 -3.45 -6.04
CA ASP A 92 -2.24 -2.72 -6.15
C ASP A 92 -3.10 -2.99 -4.92
N ALA A 94 -2.27 -4.24 -1.96
CA ALA A 94 -1.64 -3.74 -0.76
C ALA A 94 -1.86 -2.27 -0.59
N ALA A 95 -1.81 -1.50 -1.69
CA ALA A 95 -2.08 -0.08 -1.63
C ALA A 95 -3.54 0.19 -1.18
N ALA A 96 -4.47 -0.57 -1.73
CA ALA A 96 -5.87 -0.47 -1.37
C ALA A 96 -6.05 -0.80 0.10
N ALA A 97 -5.39 -1.88 0.55
CA ALA A 97 -5.43 -2.27 1.95
C ALA A 97 -4.94 -1.17 2.87
N GLU A 98 -3.81 -0.57 2.51
CA GLU A 98 -3.27 0.52 3.32
C GLU A 98 -4.21 1.70 3.36
N ASN A 99 -4.87 2.02 2.25
CA ASN A 99 -5.86 3.10 2.27
C ASN A 99 -7.01 2.79 3.21
N ILE A 100 -7.49 1.54 3.22
CA ILE A 100 -8.56 1.15 4.16
C ILE A 100 -8.10 1.36 5.59
N LEU A 101 -6.89 0.89 5.90
CA LEU A 101 -6.38 1.04 7.27
C LEU A 101 -6.28 2.48 7.72
N LEU A 102 -5.80 3.33 6.83
CA LEU A 102 -5.64 4.71 7.15
C LEU A 102 -7.00 5.38 7.33
N GLU A 103 -7.93 5.10 6.42
CA GLU A 103 -9.28 5.68 6.51
C GLU A 103 -9.95 5.18 7.81
N ALA A 104 -9.74 3.92 8.18
CA ALA A 104 -10.31 3.39 9.43
C ALA A 104 -9.82 4.24 10.61
N ALA A 105 -8.52 4.50 10.66
CA ALA A 105 -7.95 5.32 11.74
C ALA A 105 -8.56 6.73 11.71
N TYR A 106 -8.73 7.28 10.50
CA TYR A 106 -9.35 8.60 10.35
C TYR A 106 -10.76 8.66 10.94
N LEU A 107 -11.46 7.54 10.80
CA LEU A 107 -12.85 7.42 11.25
C LEU A 107 -12.94 6.91 12.70
N ASP A 108 -11.81 6.91 13.42
CA ASP A 108 -11.80 6.43 14.82
C ASP A 108 -12.15 4.97 14.97
N LEU A 109 -11.93 4.21 13.92
CA LEU A 109 -12.09 2.77 13.98
C LEU A 109 -10.73 2.10 14.19
N GLY A 110 -10.79 0.83 14.62
CA GLY A 110 -9.61 0.01 14.65
C GLY A 110 -9.69 -1.04 13.58
N ALA A 111 -8.55 -1.37 13.02
CA ALA A 111 -8.52 -2.40 12.01
C ALA A 111 -7.18 -3.11 12.02
N VAL A 112 -7.14 -4.30 11.42
CA VAL A 112 -5.90 -5.01 11.19
C VAL A 112 -5.99 -5.75 9.87
N TRP A 113 -4.87 -5.73 9.17
CA TRP A 113 -4.66 -6.49 7.93
C TRP A 113 -4.31 -7.92 8.29
N LEU A 114 -5.11 -8.85 7.79
CA LEU A 114 -4.92 -10.27 8.03
C LEU A 114 -4.45 -10.92 6.71
N GLY A 115 -3.17 -11.23 6.64
CA GLY A 115 -2.54 -11.69 5.39
C GLY A 115 -3.14 -12.98 4.91
N ALA A 116 -3.23 -13.12 3.60
CA ALA A 116 -3.67 -14.37 2.99
C ALA A 116 -2.70 -14.74 1.86
N GLN A 117 -2.81 -14.03 0.73
CA GLN A 117 -1.89 -14.23 -0.41
C GLN A 117 -0.45 -14.01 0.08
N PRO A 118 0.49 -14.86 -0.34
CA PRO A 118 0.42 -16.06 -1.18
C PRO A 118 0.43 -17.40 -0.44
N ILE A 119 -0.01 -17.42 0.81
CA ILE A 119 0.00 -18.64 1.62
CA ILE A 119 0.03 -18.64 1.60
C ILE A 119 -1.10 -19.56 1.11
N GLU A 120 -0.71 -20.70 0.56
CA GLU A 120 -1.66 -21.55 -0.17
C GLU A 120 -2.85 -21.97 0.69
N GLU A 121 -2.59 -22.35 1.93
CA GLU A 121 -3.70 -22.85 2.75
C GLU A 121 -4.70 -21.75 3.06
N ARG A 122 -4.20 -20.53 3.24
CA ARG A 122 -5.10 -19.40 3.48
C ARG A 122 -5.94 -19.05 2.24
N VAL A 123 -5.28 -18.99 1.09
CA VAL A 123 -5.92 -18.68 -0.18
CA VAL A 123 -6.01 -18.63 -0.12
C VAL A 123 -6.98 -19.74 -0.48
N LYS A 124 -6.58 -21.01 -0.30
CA LYS A 124 -7.52 -22.12 -0.50
C LYS A 124 -8.73 -22.01 0.43
N ASN A 125 -8.49 -21.70 1.69
CA ASN A 125 -9.60 -21.57 2.62
C ASN A 125 -10.57 -20.50 2.19
N LEU A 126 -10.04 -19.37 1.73
CA LEU A 126 -10.93 -18.28 1.35
C LEU A 126 -11.70 -18.63 0.07
N LYS A 127 -11.02 -19.29 -0.87
CA LYS A 127 -11.70 -19.74 -2.10
CA LYS A 127 -11.71 -19.70 -2.10
C LYS A 127 -12.86 -20.67 -1.77
N GLU A 128 -12.63 -21.58 -0.84
CA GLU A 128 -13.64 -22.55 -0.47
C GLU A 128 -14.76 -21.91 0.30
N PHE A 130 -15.92 -18.92 0.24
CA PHE A 130 -16.75 -18.04 -0.56
C PHE A 130 -17.06 -18.60 -1.96
N ASN A 131 -16.75 -19.86 -2.19
CA ASN A 131 -17.06 -20.50 -3.46
C ASN A 131 -16.59 -19.66 -4.64
N LEU A 132 -15.33 -19.18 -4.56
CA LEU A 132 -14.82 -18.25 -5.53
C LEU A 132 -14.54 -18.90 -6.87
N LYS A 133 -14.84 -18.18 -7.94
CA LYS A 133 -14.46 -18.61 -9.28
C LYS A 133 -12.95 -18.58 -9.42
N SER A 134 -12.42 -19.36 -10.36
CA SER A 134 -10.98 -19.53 -10.52
CA SER A 134 -10.98 -19.53 -10.51
C SER A 134 -10.22 -18.23 -10.70
N ASN A 135 -10.83 -17.28 -11.39
CA ASN A 135 -10.24 -15.98 -11.69
C ASN A 135 -10.21 -15.01 -10.50
N ILE A 136 -10.95 -15.32 -9.42
CA ILE A 136 -11.06 -14.40 -8.27
C ILE A 136 -10.06 -14.86 -7.19
N LYS A 137 -9.04 -14.03 -6.99
CA LYS A 137 -7.90 -14.38 -6.16
CA LYS A 137 -7.91 -14.37 -6.16
C LYS A 137 -8.00 -13.68 -4.80
N PRO A 138 -8.08 -14.47 -3.71
CA PRO A 138 -8.05 -13.84 -2.41
C PRO A 138 -6.74 -13.10 -2.14
N PHE A 139 -6.84 -11.94 -1.51
CA PHE A 139 -5.65 -11.18 -1.16
C PHE A 139 -5.41 -11.13 0.37
N CYS A 140 -6.39 -10.59 1.11
CA CYS A 140 -6.31 -10.49 2.55
C CYS A 140 -7.73 -10.30 3.09
N VAL A 141 -7.83 -10.32 4.42
CA VAL A 141 -9.03 -9.91 5.13
C VAL A 141 -8.65 -8.77 6.06
N ILE A 142 -9.50 -7.75 6.13
CA ILE A 142 -9.33 -6.67 7.10
C ILE A 142 -10.48 -6.76 8.10
N SER A 143 -10.10 -6.96 9.35
CA SER A 143 -11.11 -6.93 10.42
CA SER A 143 -10.97 -6.96 10.50
C SER A 143 -11.15 -5.52 10.95
N VAL A 144 -12.38 -5.07 11.24
CA VAL A 144 -12.65 -3.67 11.59
C VAL A 144 -13.70 -3.59 12.69
N GLY A 145 -13.51 -2.65 13.61
CA GLY A 145 -14.50 -2.35 14.64
C GLY A 145 -14.12 -1.11 15.40
N TYR A 146 -14.95 -0.74 16.37
CA TYR A 146 -14.56 0.28 17.30
C TYR A 146 -13.57 -0.34 18.29
N PRO A 147 -12.43 0.32 18.51
CA PRO A 147 -11.41 -0.30 19.33
C PRO A 147 -11.76 -0.50 20.80
N GLU A 148 -11.36 -1.64 21.31
CA GLU A 148 -11.45 -1.96 22.75
CA GLU A 148 -11.44 -1.92 22.76
C GLU A 148 -10.05 -1.92 23.35
N ASN A 149 -9.84 -0.95 24.23
CA ASN A 149 -8.58 -0.73 25.01
C ASN A 149 -7.39 -0.27 24.19
N SER A 150 -7.13 -0.95 23.10
CA SER A 150 -6.13 -0.56 22.12
CA SER A 150 -6.08 -0.51 22.21
C SER A 150 -6.47 0.79 21.48
N GLU A 151 -5.44 1.52 21.05
CA GLU A 151 -5.62 2.86 20.47
C GLU A 151 -4.84 3.00 19.16
N ASN A 152 -5.34 3.89 18.33
CA ASN A 152 -4.56 4.41 17.21
C ASN A 152 -3.67 5.54 17.76
N LYS A 153 -2.49 5.15 18.20
CA LYS A 153 -1.55 6.03 18.83
C LYS A 153 -0.19 5.84 18.14
N PHE A 154 0.65 6.86 18.23
CA PHE A 154 1.93 6.88 17.55
C PHE A 154 2.94 6.00 18.25
N ILE A 155 3.47 5.02 17.51
CA ILE A 155 4.68 4.29 17.84
C ILE A 155 5.71 4.78 16.79
N ASP A 156 6.80 5.38 17.23
CA ASP A 156 7.78 5.96 16.31
C ASP A 156 8.70 4.89 15.79
N ARG A 157 8.52 4.52 14.51
CA ARG A 157 9.24 3.43 13.90
C ARG A 157 10.43 3.95 13.06
N PHE A 158 10.67 5.27 13.07
CA PHE A 158 11.72 5.82 12.24
C PHE A 158 13.10 5.27 12.61
N ASP A 159 13.88 4.96 11.58
CA ASP A 159 15.23 4.50 11.76
C ASP A 159 16.08 5.13 10.65
N ALA A 160 16.90 6.11 11.01
CA ALA A 160 17.76 6.81 10.06
C ALA A 160 18.75 5.87 9.38
N LYS A 161 19.03 4.70 9.97
CA LYS A 161 19.94 3.72 9.34
CA LYS A 161 19.97 3.77 9.32
C LYS A 161 19.39 3.15 8.05
N ARG A 162 18.08 3.31 7.83
CA ARG A 162 17.44 2.83 6.62
C ARG A 162 17.58 3.81 5.47
N ILE A 163 18.20 4.97 5.72
CA ILE A 163 18.32 6.03 4.69
C ILE A 163 19.73 6.05 4.12
N HIS A 164 19.82 5.89 2.80
CA HIS A 164 21.07 5.86 2.08
C HIS A 164 21.07 7.06 1.13
N ILE A 165 22.09 7.91 1.26
CA ILE A 165 22.17 9.15 0.49
C ILE A 165 22.94 8.94 -0.83
N GLU A 166 22.19 9.02 -1.93
CA GLU A 166 22.66 8.97 -3.32
C GLU A 166 23.12 7.59 -3.80
N LYS A 167 23.71 6.83 -2.90
CA LYS A 167 24.22 5.50 -3.18
C LYS A 167 23.87 4.65 -1.98
N TYR A 168 23.84 3.34 -2.16
CA TYR A 168 23.59 2.46 -1.04
C TYR A 168 24.74 2.52 -0.02
N ASP B 3 -8.23 15.43 2.89
CA ASP B 3 -8.82 14.80 1.72
C ASP B 3 -7.75 14.14 0.88
N ILE B 4 -6.68 13.75 1.54
CA ILE B 4 -5.50 13.27 0.86
C ILE B 4 -5.72 11.93 0.17
N ILE B 5 -6.47 11.00 0.76
CA ILE B 5 -6.73 9.74 0.08
C ILE B 5 -7.47 9.99 -1.23
N ASN B 6 -8.46 10.90 -1.25
CA ASN B 6 -9.19 11.20 -2.47
C ASN B 6 -8.37 11.96 -3.51
N ASN B 7 -7.47 12.84 -3.04
CA ASN B 7 -6.80 13.77 -3.94
CA ASN B 7 -6.78 13.77 -3.94
C ASN B 7 -5.43 13.31 -4.43
N ARG B 8 -4.85 12.30 -3.80
CA ARG B 8 -3.54 11.80 -4.25
C ARG B 8 -3.64 11.34 -5.71
N ARG B 9 -2.77 11.89 -6.55
CA ARG B 9 -2.72 11.50 -7.96
C ARG B 9 -1.29 11.12 -8.34
N SER B 10 -1.15 10.33 -9.41
CA SER B 10 0.16 10.14 -10.01
C SER B 10 0.54 11.38 -10.81
N ILE B 11 1.58 12.07 -10.35
CA ILE B 11 2.08 13.29 -10.96
C ILE B 11 3.45 12.98 -11.53
N ARG B 12 3.60 13.24 -12.84
CA ARG B 12 4.71 12.75 -13.66
C ARG B 12 5.59 13.81 -14.26
N ASN B 13 5.36 15.07 -13.85
CA ASN B 13 6.08 16.20 -14.41
CA ASN B 13 6.09 16.23 -14.39
C ASN B 13 6.21 17.23 -13.28
N TYR B 14 7.40 17.78 -13.10
CA TYR B 14 7.73 18.59 -11.94
C TYR B 14 8.43 19.88 -12.30
N LYS B 15 8.24 20.84 -11.41
CA LYS B 15 9.04 22.06 -11.37
CA LYS B 15 9.04 22.04 -11.47
C LYS B 15 10.49 21.77 -11.04
N GLY B 16 11.37 22.75 -11.24
CA GLY B 16 12.77 22.55 -10.87
C GLY B 16 13.06 22.69 -9.37
N LYS B 17 12.14 23.30 -8.65
CA LYS B 17 12.28 23.58 -7.23
CA LYS B 17 12.35 23.59 -7.24
C LYS B 17 12.67 22.32 -6.46
N LYS B 18 13.69 22.41 -5.63
CA LYS B 18 14.09 21.31 -4.79
C LYS B 18 13.05 21.01 -3.71
N VAL B 19 12.95 19.75 -3.32
CA VAL B 19 12.08 19.36 -2.22
C VAL B 19 12.86 19.65 -0.94
N GLU B 20 12.24 20.43 -0.06
CA GLU B 20 12.89 20.85 1.18
C GLU B 20 13.32 19.63 1.99
N LYS B 21 14.47 19.75 2.64
CA LYS B 21 15.00 18.67 3.48
C LYS B 21 13.97 18.18 4.47
N GLU B 22 13.20 19.09 5.08
CA GLU B 22 12.22 18.68 6.07
C GLU B 22 11.11 17.80 5.48
N LYS B 23 10.75 18.08 4.23
CA LYS B 23 9.74 17.29 3.55
C LYS B 23 10.27 15.92 3.16
N ILE B 24 11.55 15.88 2.74
CA ILE B 24 12.17 14.59 2.44
C ILE B 24 12.08 13.70 3.68
N GLU B 25 12.46 14.24 4.83
CA GLU B 25 12.43 13.46 6.06
C GLU B 25 11.02 12.95 6.38
N LYS B 26 10.03 13.82 6.23
CA LYS B 26 8.66 13.44 6.47
CA LYS B 26 8.65 13.43 6.48
C LYS B 26 8.19 12.30 5.55
N LEU B 27 8.61 12.33 4.29
CA LEU B 27 8.25 11.22 3.38
C LEU B 27 8.79 9.88 3.89
N LEU B 28 10.03 9.90 4.37
CA LEU B 28 10.69 8.70 4.85
C LEU B 28 10.10 8.23 6.17
N ARG B 29 9.76 9.19 7.05
CA ARG B 29 9.05 8.85 8.25
C ARG B 29 7.71 8.18 7.93
N ALA B 30 6.98 8.71 6.95
CA ALA B 30 5.68 8.14 6.59
C ALA B 30 5.85 6.70 6.11
N ALA B 31 6.84 6.46 5.26
CA ALA B 31 7.14 5.12 4.77
C ALA B 31 7.33 4.13 5.91
N GLN B 33 6.29 4.15 8.94
CA GLN B 33 5.11 3.87 9.74
C GLN B 33 4.17 2.84 9.12
N ALA B 34 4.52 2.28 7.97
CA ALA B 34 3.67 1.29 7.34
C ALA B 34 3.56 0.01 8.16
N PRO B 35 2.41 -0.66 8.01
CA PRO B 35 2.32 -1.98 8.58
C PRO B 35 3.26 -2.92 7.83
N SER B 36 3.61 -4.05 8.45
CA SER B 36 4.43 -5.05 7.79
C SER B 36 4.19 -6.40 8.41
N ALA B 37 4.22 -7.43 7.58
CA ALA B 37 3.96 -8.80 8.06
C ALA B 37 4.96 -9.13 9.15
N GLY B 38 4.46 -9.63 10.28
CA GLY B 38 5.37 -9.94 11.38
C GLY B 38 6.08 -8.74 12.02
N ASN B 39 5.63 -7.51 11.71
CA ASN B 39 6.36 -6.31 12.03
C ASN B 39 7.83 -6.38 11.57
N GLN B 40 8.05 -7.04 10.43
CA GLN B 40 9.41 -7.26 9.96
C GLN B 40 10.11 -6.01 9.43
N GLN B 41 9.35 -4.99 9.06
CA GLN B 41 9.93 -3.70 8.64
C GLN B 41 11.15 -3.86 7.74
N PRO B 42 10.96 -4.40 6.53
CA PRO B 42 12.12 -4.91 5.75
C PRO B 42 12.78 -3.85 4.85
N TRP B 43 12.37 -2.60 5.01
CA TRP B 43 12.68 -1.56 4.02
C TRP B 43 14.02 -0.86 4.20
N GLU B 44 14.57 -0.48 3.06
CA GLU B 44 15.75 0.39 2.93
C GLU B 44 15.44 1.37 1.82
N PHE B 45 15.98 2.57 1.88
CA PHE B 45 15.66 3.64 0.96
C PHE B 45 16.95 4.29 0.46
N ILE B 46 17.04 4.50 -0.86
CA ILE B 46 18.11 5.35 -1.41
C ILE B 46 17.44 6.66 -1.87
N VAL B 47 17.94 7.77 -1.34
CA VAL B 47 17.37 9.06 -1.61
C VAL B 47 18.33 9.77 -2.54
N LEU B 48 17.84 10.20 -3.71
CA LEU B 48 18.66 10.92 -4.69
C LEU B 48 18.13 12.33 -4.92
N GLU B 49 19.06 13.28 -4.88
CA GLU B 49 18.85 14.65 -5.33
C GLU B 49 19.82 15.08 -6.43
N ASP B 50 20.80 14.21 -6.77
CA ASP B 50 21.74 14.56 -7.82
C ASP B 50 21.06 14.41 -9.17
N ARG B 51 20.94 15.51 -9.90
CA ARG B 51 20.13 15.49 -11.09
C ARG B 51 20.70 14.56 -12.18
N GLU B 52 22.02 14.48 -12.29
CA GLU B 52 22.61 13.54 -13.23
C GLU B 52 22.27 12.07 -12.89
N ASN B 53 22.33 11.74 -11.60
CA ASN B 53 21.98 10.36 -11.19
C ASN B 53 20.49 10.07 -11.35
N ILE B 54 19.66 11.07 -11.07
CA ILE B 54 18.20 10.93 -11.24
C ILE B 54 17.87 10.68 -12.72
N ASP B 55 18.50 11.46 -13.61
CA ASP B 55 18.25 11.29 -15.03
CA ASP B 55 18.30 11.27 -15.05
C ASP B 55 18.71 9.90 -15.51
N LYS B 56 19.85 9.45 -15.03
CA LYS B 56 20.36 8.13 -15.33
CA LYS B 56 20.35 8.13 -15.37
C LYS B 56 19.35 7.07 -14.89
N LEU B 57 18.79 7.29 -13.72
CA LEU B 57 17.86 6.35 -13.12
C LEU B 57 16.59 6.18 -13.96
N SER B 58 16.21 7.22 -14.75
CA SER B 58 15.07 7.11 -15.67
C SER B 58 15.21 5.98 -16.65
N ASN B 59 16.43 5.50 -16.87
CA ASN B 59 16.67 4.43 -17.82
C ASN B 59 16.29 3.04 -17.30
N PHE B 60 15.92 2.94 -16.03
CA PHE B 60 15.67 1.60 -15.45
C PHE B 60 14.44 0.92 -16.03
N SER B 61 13.51 1.72 -16.53
CA SER B 61 12.25 1.27 -17.03
C SER B 61 11.80 2.16 -18.18
N LYS B 62 10.92 1.64 -19.02
CA LYS B 62 10.33 2.41 -20.09
C LYS B 62 9.24 3.36 -19.61
N TYR B 63 8.83 3.20 -18.35
CA TYR B 63 7.76 3.96 -17.77
C TYR B 63 8.22 4.88 -16.63
N ALA B 64 9.46 5.34 -16.71
CA ALA B 64 10.08 6.12 -15.65
C ALA B 64 10.51 7.51 -16.11
N ASN B 65 9.88 8.01 -17.17
CA ASN B 65 10.27 9.30 -17.71
C ASN B 65 10.02 10.47 -16.78
N SER B 66 9.17 10.28 -15.77
CA SER B 66 8.99 11.31 -14.74
C SER B 66 10.30 11.72 -14.08
N LEU B 67 11.26 10.80 -14.04
CA LEU B 67 12.51 11.09 -13.37
C LEU B 67 13.31 12.15 -14.12
N LYS B 68 13.00 12.36 -15.39
CA LYS B 68 13.77 13.35 -16.16
C LYS B 68 13.57 14.79 -15.68
N THR B 69 12.46 15.05 -15.00
CA THR B 69 12.24 16.38 -14.38
C THR B 69 12.22 16.37 -12.87
N ALA B 70 12.28 15.20 -12.24
CA ALA B 70 12.12 15.11 -10.80
C ALA B 70 13.34 15.65 -10.07
N PRO B 71 13.14 16.53 -9.09
CA PRO B 71 14.25 16.92 -8.23
C PRO B 71 14.58 15.96 -7.10
N LEU B 72 13.74 14.93 -6.92
CA LEU B 72 13.93 13.96 -5.87
C LEU B 72 13.49 12.60 -6.38
N ALA B 73 14.27 11.59 -6.08
CA ALA B 73 13.84 10.19 -6.29
C ALA B 73 14.11 9.40 -5.02
N ILE B 74 13.19 8.49 -4.69
CA ILE B 74 13.39 7.59 -3.55
C ILE B 74 13.28 6.16 -4.09
N VAL B 75 14.39 5.42 -3.99
CA VAL B 75 14.39 4.01 -4.37
C VAL B 75 14.03 3.17 -3.13
N LEU B 76 12.98 2.35 -3.25
CA LEU B 76 12.51 1.48 -2.18
C LEU B 76 13.10 0.10 -2.44
N LEU B 77 13.70 -0.46 -1.39
CA LEU B 77 14.35 -1.74 -1.43
C LEU B 77 13.94 -2.54 -0.21
N ALA B 78 14.06 -3.87 -0.29
CA ALA B 78 13.83 -4.72 0.86
C ALA B 78 15.04 -5.59 1.10
N ASP B 79 15.35 -5.83 2.37
CA ASP B 79 16.49 -6.66 2.74
C ASP B 79 16.02 -8.05 3.16
N GLU B 80 16.40 -9.06 2.36
CA GLU B 80 16.07 -10.44 2.69
C GLU B 80 16.41 -10.79 4.14
N GLU B 81 17.52 -10.26 4.64
CA GLU B 81 17.99 -10.61 5.96
C GLU B 81 17.13 -10.04 7.07
N LYS B 82 16.21 -9.12 6.73
CA LYS B 82 15.25 -8.63 7.68
CA LYS B 82 15.25 -8.62 7.68
C LYS B 82 13.91 -9.36 7.61
N LYS B 84 11.21 -12.00 8.21
CA LYS B 84 10.66 -13.11 9.00
C LYS B 84 9.58 -13.87 8.19
N ILE B 85 8.89 -13.13 7.32
CA ILE B 85 7.82 -13.65 6.49
C ILE B 85 8.10 -13.18 5.06
N SER B 86 8.99 -13.89 4.38
CA SER B 86 9.43 -13.46 3.08
C SER B 86 8.32 -13.54 2.03
N GLU B 87 7.30 -14.34 2.30
CA GLU B 87 6.20 -14.47 1.38
C GLU B 87 5.47 -13.16 1.15
N TRP B 89 6.81 -9.81 1.55
CA TRP B 89 7.60 -8.59 1.56
C TRP B 89 7.11 -7.54 0.57
N GLU B 90 6.60 -7.95 -0.59
CA GLU B 90 6.15 -6.96 -1.54
CA GLU B 90 6.09 -7.01 -1.61
C GLU B 90 4.95 -6.18 -1.04
N GLN B 91 4.16 -6.81 -0.17
CA GLN B 91 2.99 -6.15 0.40
C GLN B 91 3.41 -5.09 1.40
N ASP B 92 4.35 -5.43 2.26
CA ASP B 92 4.91 -4.47 3.18
C ASP B 92 5.41 -3.23 2.42
N ALA B 94 4.72 -2.20 -0.61
CA ALA B 94 3.62 -1.49 -1.24
C ALA B 94 2.90 -0.58 -0.25
N ALA B 95 2.75 -1.06 0.99
CA ALA B 95 2.10 -0.22 2.02
C ALA B 95 2.99 1.00 2.33
N ALA B 96 4.30 0.79 2.41
CA ALA B 96 5.25 1.90 2.59
C ALA B 96 5.17 2.91 1.44
N ALA B 97 5.12 2.39 0.21
CA ALA B 97 5.03 3.25 -0.97
C ALA B 97 3.78 4.11 -0.93
N GLU B 98 2.65 3.49 -0.58
CA GLU B 98 1.39 4.21 -0.51
C GLU B 98 1.48 5.27 0.55
N ASN B 99 2.12 4.97 1.69
CA ASN B 99 2.29 6.01 2.70
C ASN B 99 3.09 7.20 2.15
N ILE B 100 4.17 6.91 1.43
CA ILE B 100 4.95 8.01 0.80
C ILE B 100 4.08 8.86 -0.11
N LEU B 101 3.31 8.19 -0.98
CA LEU B 101 2.50 8.93 -1.92
C LEU B 101 1.49 9.81 -1.19
N LEU B 102 0.85 9.28 -0.16
CA LEU B 102 -0.11 10.08 0.59
C LEU B 102 0.53 11.25 1.32
N GLU B 103 1.67 10.99 1.95
CA GLU B 103 2.39 12.05 2.62
C GLU B 103 2.82 13.12 1.62
N ALA B 104 3.26 12.69 0.42
CA ALA B 104 3.61 13.67 -0.60
C ALA B 104 2.46 14.61 -0.89
N ALA B 105 1.28 14.05 -1.12
CA ALA B 105 0.09 14.87 -1.40
C ALA B 105 -0.20 15.80 -0.23
N TYR B 106 -0.07 15.29 1.00
CA TYR B 106 -0.26 16.10 2.21
C TYR B 106 0.66 17.33 2.24
N LEU B 107 1.90 17.15 1.77
CA LEU B 107 2.91 18.19 1.72
C LEU B 107 2.90 19.02 0.44
N ASP B 108 1.83 18.92 -0.34
CA ASP B 108 1.67 19.71 -1.56
C ASP B 108 2.69 19.36 -2.62
N LEU B 109 3.19 18.13 -2.55
CA LEU B 109 4.11 17.60 -3.53
C LEU B 109 3.34 16.68 -4.48
N GLY B 110 3.92 16.46 -5.65
CA GLY B 110 3.47 15.42 -6.56
C GLY B 110 4.45 14.26 -6.55
N ALA B 111 3.92 13.07 -6.76
CA ALA B 111 4.76 11.89 -6.84
C ALA B 111 4.09 10.85 -7.73
N VAL B 112 4.90 9.91 -8.21
CA VAL B 112 4.36 8.74 -8.88
C VAL B 112 5.21 7.52 -8.50
N TRP B 113 4.51 6.40 -8.31
CA TRP B 113 5.10 5.07 -8.10
C TRP B 113 5.54 4.54 -9.45
N LEU B 114 6.84 4.22 -9.53
CA LEU B 114 7.43 3.64 -10.73
C LEU B 114 7.75 2.18 -10.41
N GLY B 115 6.92 1.27 -10.93
CA GLY B 115 7.02 -0.14 -10.57
C GLY B 115 8.36 -0.74 -11.01
N ALA B 116 8.87 -1.66 -10.21
CA ALA B 116 10.08 -2.42 -10.57
C ALA B 116 9.86 -3.91 -10.36
N GLN B 117 9.86 -4.34 -9.09
CA GLN B 117 9.58 -5.73 -8.73
C GLN B 117 8.18 -6.08 -9.29
N PRO B 118 8.00 -7.30 -9.87
CA PRO B 118 8.94 -8.40 -10.13
C PRO B 118 9.42 -8.45 -11.57
N ILE B 119 9.41 -7.32 -12.27
CA ILE B 119 9.81 -7.28 -13.69
CA ILE B 119 9.79 -7.31 -13.68
C ILE B 119 11.32 -7.44 -13.74
N GLU B 120 11.80 -8.56 -14.30
CA GLU B 120 13.19 -8.92 -14.18
C GLU B 120 14.13 -7.86 -14.71
N GLU B 121 13.80 -7.30 -15.87
CA GLU B 121 14.68 -6.29 -16.48
C GLU B 121 14.83 -5.05 -15.58
N ARG B 122 13.71 -4.65 -14.97
CA ARG B 122 13.75 -3.45 -14.12
C ARG B 122 14.53 -3.69 -12.84
N VAL B 123 14.29 -4.83 -12.21
CA VAL B 123 15.01 -5.18 -11.00
C VAL B 123 16.52 -5.31 -11.31
N LYS B 124 16.84 -5.94 -12.43
CA LYS B 124 18.23 -6.13 -12.85
C LYS B 124 18.88 -4.75 -13.04
N ASN B 125 18.19 -3.86 -13.74
CA ASN B 125 18.76 -2.51 -13.97
C ASN B 125 19.04 -1.76 -12.66
N LEU B 126 18.14 -1.87 -11.67
CA LEU B 126 18.35 -1.18 -10.39
C LEU B 126 19.48 -1.82 -9.59
N LYS B 127 19.55 -3.16 -9.59
CA LYS B 127 20.65 -3.86 -8.95
C LYS B 127 22.00 -3.41 -9.50
N GLU B 128 22.07 -3.30 -10.84
CA GLU B 128 23.32 -2.92 -11.51
C GLU B 128 23.69 -1.45 -11.27
N PHE B 130 23.01 0.49 -8.75
CA PHE B 130 23.45 0.72 -7.39
C PHE B 130 24.40 -0.36 -6.83
N ASN B 131 24.83 -1.28 -7.70
CA ASN B 131 25.66 -2.43 -7.34
C ASN B 131 25.20 -3.08 -6.05
N LEU B 132 23.93 -3.48 -6.02
CA LEU B 132 23.37 -3.96 -4.77
C LEU B 132 23.86 -5.35 -4.41
N LYS B 133 24.07 -5.57 -3.12
CA LYS B 133 24.24 -6.91 -2.55
CA LYS B 133 24.30 -6.92 -2.66
C LYS B 133 23.06 -7.81 -2.91
N SER B 134 23.31 -9.10 -3.03
CA SER B 134 22.29 -10.07 -3.41
CA SER B 134 22.24 -10.01 -3.47
C SER B 134 21.01 -9.98 -2.55
N ASN B 135 21.20 -9.69 -1.26
CA ASN B 135 20.09 -9.68 -0.32
C ASN B 135 19.25 -8.42 -0.38
N ILE B 136 19.71 -7.40 -1.12
CA ILE B 136 18.99 -6.13 -1.17
C ILE B 136 18.20 -6.10 -2.48
N LYS B 137 16.88 -6.20 -2.35
CA LYS B 137 15.99 -6.40 -3.47
C LYS B 137 15.29 -5.11 -3.84
N PRO B 138 15.48 -4.68 -5.10
CA PRO B 138 14.74 -3.50 -5.55
C PRO B 138 13.23 -3.72 -5.56
N PHE B 139 12.49 -2.72 -5.10
CA PHE B 139 11.04 -2.78 -5.09
C PHE B 139 10.39 -1.82 -6.10
N CYS B 140 10.69 -0.53 -5.95
CA CYS B 140 10.14 0.48 -6.85
C CYS B 140 10.98 1.75 -6.71
N VAL B 141 10.70 2.70 -7.58
CA VAL B 141 11.24 4.06 -7.42
C VAL B 141 10.04 4.99 -7.35
N ILE B 142 10.12 6.00 -6.46
CA ILE B 142 9.12 7.06 -6.41
C ILE B 142 9.79 8.38 -6.82
N SER B 143 9.29 8.98 -7.89
CA SER B 143 9.78 10.29 -8.29
C SER B 143 8.89 11.31 -7.60
N VAL B 144 9.48 12.41 -7.13
CA VAL B 144 8.80 13.38 -6.29
C VAL B 144 9.26 14.79 -6.72
N GLY B 145 8.32 15.74 -6.69
CA GLY B 145 8.64 17.15 -6.92
C GLY B 145 7.40 18.00 -6.79
N TYR B 146 7.54 19.31 -6.95
CA TYR B 146 6.39 20.18 -7.02
C TYR B 146 5.74 20.03 -8.40
N PRO B 147 4.43 19.84 -8.44
CA PRO B 147 3.79 19.58 -9.74
C PRO B 147 3.93 20.72 -10.75
N GLU B 148 4.18 20.37 -12.01
N GLU B 148 4.21 20.33 -11.99
CA GLU B 148 4.34 21.37 -13.11
CA GLU B 148 4.11 21.22 -13.15
C GLU B 148 3.01 21.78 -13.75
C GLU B 148 2.97 20.70 -14.01
N ASN B 149 2.25 20.79 -14.18
N ASN B 149 1.94 21.51 -14.17
CA ASN B 149 1.05 21.03 -15.02
CA ASN B 149 0.85 21.19 -15.12
C ASN B 149 0.06 19.91 -14.77
C ASN B 149 0.09 19.89 -14.78
N SER B 150 -0.06 19.57 -13.50
CA SER B 150 -0.96 18.53 -12.99
CA SER B 150 -1.03 18.58 -13.04
C SER B 150 -1.20 18.81 -11.53
N GLU B 151 -2.21 18.19 -10.96
CA GLU B 151 -2.66 18.46 -9.61
C GLU B 151 -3.00 17.20 -8.87
N ASN B 152 -2.88 17.28 -7.55
CA ASN B 152 -3.55 16.36 -6.64
C ASN B 152 -4.98 16.90 -6.64
C ASN B 152 -5.04 16.69 -6.40
N LYS B 153 -5.87 16.14 -7.25
CA LYS B 153 -7.29 16.45 -7.33
CA LYS B 153 -7.29 16.46 -7.32
C LYS B 153 -8.07 15.14 -7.29
N PHE B 154 -9.35 15.22 -6.99
CA PHE B 154 -10.19 14.05 -6.82
C PHE B 154 -10.68 13.55 -8.17
N ILE B 155 -10.19 12.37 -8.59
CA ILE B 155 -10.77 11.59 -9.68
C ILE B 155 -11.50 10.44 -8.96
N ASP B 156 -12.82 10.41 -9.08
CA ASP B 156 -13.64 9.50 -8.31
C ASP B 156 -13.66 8.14 -8.99
N ARG B 157 -12.99 7.18 -8.37
CA ARG B 157 -12.86 5.83 -8.93
C ARG B 157 -13.83 4.84 -8.29
N PHE B 158 -14.70 5.33 -7.43
CA PHE B 158 -15.63 4.42 -6.76
C PHE B 158 -16.48 3.66 -7.78
N ASP B 159 -16.67 2.37 -7.54
CA ASP B 159 -17.56 1.54 -8.33
C ASP B 159 -18.28 0.57 -7.38
N ALA B 160 -19.55 0.82 -7.13
CA ALA B 160 -20.31 0.00 -6.19
C ALA B 160 -20.44 -1.45 -6.64
N LYS B 161 -20.24 -1.73 -7.93
CA LYS B 161 -20.33 -3.11 -8.42
CA LYS B 161 -20.32 -3.10 -8.43
C LYS B 161 -19.20 -3.96 -7.87
N ARG B 162 -18.19 -3.30 -7.30
CA ARG B 162 -17.06 -4.05 -6.70
C ARG B 162 -17.38 -4.51 -5.28
N ILE B 163 -18.56 -4.12 -4.76
CA ILE B 163 -18.93 -4.44 -3.38
C ILE B 163 -19.92 -5.60 -3.35
N HIS B 164 -19.50 -6.69 -2.72
CA HIS B 164 -20.30 -7.88 -2.58
C HIS B 164 -20.75 -7.99 -1.14
N ILE B 165 -22.06 -8.11 -0.95
CA ILE B 165 -22.63 -8.07 0.38
C ILE B 165 -22.76 -9.49 0.93
N GLU B 166 -21.98 -9.77 1.97
CA GLU B 166 -21.95 -11.02 2.75
C GLU B 166 -21.40 -12.25 2.03
N LYS B 167 -21.63 -12.35 0.72
CA LYS B 167 -21.15 -13.43 -0.12
C LYS B 167 -20.71 -12.79 -1.42
N TYR B 168 -19.94 -13.54 -2.22
CA TYR B 168 -19.55 -13.03 -3.53
C TYR B 168 -20.75 -12.97 -4.47
#